data_4NLC
#
_entry.id   4NLC
#
_cell.length_a   39.410
_cell.length_b   93.410
_cell.length_c   49.990
_cell.angle_alpha   90.00
_cell.angle_beta   105.23
_cell.angle_gamma   90.00
#
_symmetry.space_group_name_H-M   'P 1 21 1'
#
loop_
_entity.id
_entity.type
_entity.pdbx_description
1 polymer 'Ribosomal RNA processing protein 6'
2 non-polymer DI(HYDROXYETHYL)ETHER
3 water water
#
_entity_poly.entity_id   1
_entity_poly.type   'polypeptide(L)'
_entity_poly.pdbx_seq_one_letter_code
;SVLRPQLTFEHPVDNSPTPFRPVYYDEKGVRHVGEPGVHPFAERIKAVSVPSEQLLLKTETPYLSLVTCPLTFVDTVEDL
EALVAVLLNETEIAVDLEHHDFYSYQGFTCLMQISTRTQDFIVDCLKVRANMYLMAPVFLQPNIVKVFHGAREDVRWLQK
DFGLYIVNLFDTSIALQNLHMPHSLAFAVDHFCQVKLNKKYQTADWRVRPIPAEMVSYAQQDTHFLLYVYDRLKQLLLNC
EARASVGNMLLHVFQESRLLSLERYEKPHLDPDVTYKQALGRSLGGLSSSQLQVAREIFNWRDMAAREADDSPSAVMHIS
SVLSIATKLPTSANEVLKCCSPVSVAVRTNVMKLLQIVKDAIGSALEHHHHHH
;
_entity_poly.pdbx_strand_id   A
#
loop_
_chem_comp.id
_chem_comp.type
_chem_comp.name
_chem_comp.formula
PEG non-polymer DI(HYDROXYETHYL)ETHER 'C4 H10 O3'
#
# COMPACT_ATOMS: atom_id res chain seq x y z
N ARG A 4 1.71 17.79 -4.92
CA ARG A 4 1.52 17.15 -3.62
C ARG A 4 0.04 16.89 -3.30
N PRO A 5 -0.50 15.66 -3.52
CA PRO A 5 -1.93 15.42 -3.22
C PRO A 5 -2.36 15.70 -1.77
N GLN A 6 -1.45 15.50 -0.79
CA GLN A 6 -1.69 15.74 0.65
C GLN A 6 -2.31 17.10 0.96
N LEU A 7 -1.93 18.14 0.20
CA LEU A 7 -2.44 19.50 0.37
C LEU A 7 -3.96 19.61 0.05
N THR A 8 -4.51 18.63 -0.71
CA THR A 8 -5.93 18.54 -1.07
C THR A 8 -6.65 17.66 -0.03
N PHE A 9 -5.91 17.05 0.92
CA PHE A 9 -6.56 16.17 1.92
C PHE A 9 -7.47 16.95 2.83
N GLU A 10 -8.67 16.41 3.08
CA GLU A 10 -9.70 17.03 3.94
C GLU A 10 -9.20 16.95 5.39
N HIS A 11 -8.40 15.90 5.67
CA HIS A 11 -7.78 15.64 6.96
C HIS A 11 -6.26 15.52 6.75
N PRO A 12 -5.42 16.40 7.36
CA PRO A 12 -3.95 16.25 7.22
C PRO A 12 -3.44 14.97 7.92
N VAL A 13 -2.33 14.38 7.44
CA VAL A 13 -1.82 13.11 7.98
C VAL A 13 -1.00 13.33 9.27
N ASP A 14 -1.25 12.49 10.30
CA ASP A 14 -0.51 12.57 11.57
C ASP A 14 0.69 11.63 11.46
N ASN A 15 1.91 12.19 11.31
CA ASN A 15 3.14 11.41 11.18
C ASN A 15 3.92 11.19 12.48
N SER A 16 3.35 11.57 13.63
CA SER A 16 4.08 11.46 14.91
C SER A 16 4.32 10.00 15.34
N PRO A 17 5.35 9.74 16.19
CA PRO A 17 5.60 8.36 16.63
C PRO A 17 4.62 7.94 17.73
N THR A 18 3.34 7.79 17.35
CA THR A 18 2.21 7.38 18.18
C THR A 18 1.51 6.22 17.50
N PRO A 19 1.13 5.15 18.23
CA PRO A 19 0.48 4.00 17.55
C PRO A 19 -0.73 4.39 16.70
N PHE A 20 -0.94 3.72 15.55
CA PHE A 20 -2.05 3.99 14.64
C PHE A 20 -3.40 3.75 15.32
N ARG A 21 -4.29 4.74 15.26
CA ARG A 21 -5.65 4.63 15.80
C ARG A 21 -6.61 4.75 14.61
N PRO A 22 -7.33 3.66 14.27
CA PRO A 22 -8.19 3.74 13.09
C PRO A 22 -9.53 4.44 13.30
N VAL A 23 -9.90 5.29 12.36
CA VAL A 23 -11.20 5.95 12.29
C VAL A 23 -11.85 5.19 11.15
N TYR A 24 -13.05 4.61 11.37
CA TYR A 24 -13.67 3.78 10.32
C TYR A 24 -15.21 3.83 10.36
N TYR A 25 -15.81 3.45 9.23
CA TYR A 25 -17.25 3.39 9.04
C TYR A 25 -17.77 1.96 8.90
N ASP A 26 -18.95 1.70 9.44
CA ASP A 26 -19.56 0.39 9.30
C ASP A 26 -20.39 0.34 8.01
N GLU A 27 -21.21 -0.72 7.82
CA GLU A 27 -22.07 -0.92 6.63
C GLU A 27 -23.27 0.01 6.62
N LYS A 28 -23.56 0.68 7.74
CA LYS A 28 -24.66 1.64 7.87
C LYS A 28 -24.13 3.07 7.63
N GLY A 29 -22.84 3.19 7.35
CA GLY A 29 -22.21 4.50 7.16
C GLY A 29 -22.07 5.28 8.46
N VAL A 30 -21.95 4.57 9.60
CA VAL A 30 -21.76 5.20 10.92
C VAL A 30 -20.25 5.27 11.24
N ARG A 31 -19.76 6.44 11.66
CA ARG A 31 -18.37 6.69 12.01
C ARG A 31 -18.02 6.11 13.39
N HIS A 32 -16.87 5.43 13.47
CA HIS A 32 -16.35 4.89 14.74
C HIS A 32 -14.88 5.26 14.91
N VAL A 33 -14.44 5.35 16.16
CA VAL A 33 -13.05 5.58 16.54
C VAL A 33 -12.58 4.27 17.19
N GLY A 34 -11.58 3.66 16.57
CA GLY A 34 -10.98 2.41 17.03
C GLY A 34 -9.94 2.62 18.10
N GLU A 35 -9.20 1.53 18.41
CA GLU A 35 -8.16 1.49 19.46
C GLU A 35 -6.83 1.06 18.87
N PRO A 36 -5.69 1.66 19.35
CA PRO A 36 -4.38 1.24 18.83
C PRO A 36 -4.12 -0.25 19.07
N GLY A 37 -3.50 -0.91 18.10
CA GLY A 37 -3.21 -2.34 18.14
C GLY A 37 -4.42 -3.29 18.08
N VAL A 38 -5.62 -2.74 17.78
CA VAL A 38 -6.86 -3.51 17.68
C VAL A 38 -7.45 -3.37 16.28
N HIS A 39 -7.60 -4.49 15.58
CA HIS A 39 -8.27 -4.56 14.29
C HIS A 39 -9.76 -4.48 14.65
N PRO A 40 -10.51 -3.44 14.20
CA PRO A 40 -11.90 -3.29 14.66
C PRO A 40 -12.89 -4.31 14.12
N PHE A 41 -12.53 -5.06 13.09
CA PHE A 41 -13.41 -6.10 12.57
C PHE A 41 -12.88 -7.53 12.89
N ALA A 42 -11.94 -7.66 13.84
CA ALA A 42 -11.34 -8.97 14.18
C ALA A 42 -12.37 -10.02 14.58
N GLU A 43 -13.33 -9.64 15.45
CA GLU A 43 -14.40 -10.53 15.92
C GLU A 43 -15.35 -10.94 14.78
N ARG A 44 -15.72 -9.99 13.89
CA ARG A 44 -16.59 -10.31 12.76
C ARG A 44 -15.91 -11.27 11.76
N ILE A 45 -14.63 -11.01 11.39
CA ILE A 45 -13.88 -11.86 10.45
C ILE A 45 -13.67 -13.28 11.01
N LYS A 46 -13.35 -13.39 12.31
CA LYS A 46 -13.15 -14.70 12.94
C LYS A 46 -14.47 -15.48 13.10
N ALA A 47 -15.63 -14.79 13.10
CA ALA A 47 -16.95 -15.40 13.22
C ALA A 47 -17.64 -15.60 11.84
N VAL A 48 -16.96 -15.30 10.71
CA VAL A 48 -17.57 -15.36 9.38
C VAL A 48 -17.18 -16.60 8.60
N SER A 49 -18.16 -17.19 7.90
CA SER A 49 -17.95 -18.38 7.07
C SER A 49 -17.75 -17.99 5.63
N VAL A 50 -17.13 -18.89 4.85
CA VAL A 50 -16.96 -18.72 3.41
C VAL A 50 -18.36 -19.05 2.79
N PRO A 51 -18.89 -18.27 1.81
CA PRO A 51 -20.19 -18.64 1.21
C PRO A 51 -20.10 -20.01 0.53
N SER A 52 -20.95 -20.96 0.95
CA SER A 52 -20.96 -22.35 0.48
C SER A 52 -20.91 -22.52 -1.06
N GLU A 53 -21.56 -21.61 -1.83
CA GLU A 53 -21.54 -21.64 -3.31
C GLU A 53 -20.10 -21.44 -3.84
N GLN A 54 -19.26 -20.71 -3.10
CA GLN A 54 -17.86 -20.47 -3.50
C GLN A 54 -16.98 -21.71 -3.36
N LEU A 55 -17.40 -22.69 -2.55
CA LEU A 55 -16.64 -23.92 -2.28
C LEU A 55 -17.01 -25.12 -3.19
N LEU A 56 -17.90 -24.91 -4.17
CA LEU A 56 -18.32 -25.92 -5.16
C LEU A 56 -17.45 -25.88 -6.42
N LEU A 57 -17.40 -26.99 -7.16
CA LEU A 57 -16.67 -27.02 -8.43
C LEU A 57 -17.59 -26.41 -9.49
N LYS A 58 -17.18 -25.26 -10.05
CA LYS A 58 -17.94 -24.52 -11.06
C LYS A 58 -17.13 -24.24 -12.31
N THR A 59 -17.82 -24.17 -13.46
CA THR A 59 -17.23 -23.81 -14.75
C THR A 59 -16.77 -22.36 -14.63
N GLU A 60 -15.61 -22.08 -15.21
CA GLU A 60 -15.01 -20.75 -15.19
C GLU A 60 -15.79 -19.78 -16.11
N THR A 61 -15.80 -18.50 -15.74
CA THR A 61 -16.40 -17.42 -16.54
C THR A 61 -15.19 -16.69 -17.13
N PRO A 62 -14.95 -16.80 -18.46
CA PRO A 62 -13.75 -16.16 -19.02
C PRO A 62 -13.83 -14.64 -19.00
N TYR A 63 -12.65 -14.02 -18.93
CA TYR A 63 -12.46 -12.58 -18.94
C TYR A 63 -13.06 -12.01 -20.24
N LEU A 64 -13.48 -10.78 -20.21
CA LEU A 64 -14.09 -10.13 -21.36
C LEU A 64 -13.02 -9.59 -22.31
N SER A 65 -13.45 -9.14 -23.49
CA SER A 65 -12.51 -8.53 -24.42
C SER A 65 -12.19 -7.13 -23.90
N LEU A 66 -10.92 -6.75 -23.99
CA LEU A 66 -10.50 -5.38 -23.62
C LEU A 66 -11.04 -4.35 -24.64
N VAL A 67 -11.39 -4.80 -25.85
CA VAL A 67 -11.92 -3.92 -26.90
C VAL A 67 -13.33 -3.42 -26.55
N THR A 68 -14.24 -4.32 -26.14
CA THR A 68 -15.64 -3.99 -25.88
C THR A 68 -16.08 -4.03 -24.39
N CYS A 69 -15.13 -4.30 -23.46
CA CYS A 69 -15.46 -4.36 -22.02
C CYS A 69 -15.67 -2.94 -21.53
N PRO A 70 -16.80 -2.66 -20.85
CA PRO A 70 -17.00 -1.30 -20.32
C PRO A 70 -15.98 -1.00 -19.25
N LEU A 71 -15.41 0.20 -19.32
CA LEU A 71 -14.46 0.73 -18.34
C LEU A 71 -14.99 2.08 -17.87
N THR A 72 -15.16 2.24 -16.55
CA THR A 72 -15.63 3.51 -15.98
C THR A 72 -14.59 4.09 -15.04
N PHE A 73 -14.28 5.38 -15.21
CA PHE A 73 -13.34 6.09 -14.37
C PHE A 73 -14.19 6.85 -13.36
N VAL A 74 -14.03 6.53 -12.07
CA VAL A 74 -14.84 7.09 -10.99
C VAL A 74 -14.02 8.11 -10.21
N ASP A 75 -14.48 9.39 -10.19
CA ASP A 75 -13.74 10.41 -9.48
C ASP A 75 -14.63 11.42 -8.78
N THR A 76 -15.93 11.08 -8.58
CA THR A 76 -16.86 11.92 -7.77
C THR A 76 -17.56 11.02 -6.75
N VAL A 77 -18.16 11.62 -5.69
CA VAL A 77 -18.88 10.92 -4.61
C VAL A 77 -20.06 10.14 -5.19
N GLU A 78 -20.91 10.79 -6.01
CA GLU A 78 -22.11 10.23 -6.67
C GLU A 78 -21.74 9.03 -7.53
N ASP A 79 -20.63 9.12 -8.27
CA ASP A 79 -20.14 8.01 -9.11
C ASP A 79 -19.60 6.86 -8.27
N LEU A 80 -19.04 7.17 -7.10
CA LEU A 80 -18.55 6.17 -6.14
C LEU A 80 -19.72 5.40 -5.53
N GLU A 81 -20.78 6.12 -5.14
CA GLU A 81 -22.00 5.56 -4.57
C GLU A 81 -22.71 4.67 -5.61
N ALA A 82 -22.81 5.15 -6.88
CA ALA A 82 -23.41 4.37 -7.96
C ALA A 82 -22.61 3.06 -8.14
N LEU A 83 -21.28 3.15 -8.05
CA LEU A 83 -20.39 1.98 -8.17
C LEU A 83 -20.63 0.98 -7.00
N VAL A 84 -20.72 1.48 -5.77
CA VAL A 84 -20.98 0.67 -4.57
C VAL A 84 -22.28 -0.16 -4.73
N ALA A 85 -23.33 0.41 -5.34
CA ALA A 85 -24.60 -0.32 -5.53
C ALA A 85 -24.47 -1.40 -6.61
N VAL A 86 -23.65 -1.15 -7.64
CA VAL A 86 -23.38 -2.14 -8.69
C VAL A 86 -22.66 -3.35 -8.01
N LEU A 87 -21.61 -3.06 -7.23
CA LEU A 87 -20.83 -4.08 -6.55
C LEU A 87 -21.65 -4.95 -5.59
N LEU A 88 -22.72 -4.36 -4.99
CA LEU A 88 -23.63 -5.06 -4.07
C LEU A 88 -24.47 -6.15 -4.74
N ASN A 89 -24.55 -6.18 -6.09
CA ASN A 89 -25.28 -7.23 -6.83
C ASN A 89 -24.35 -8.37 -7.34
N GLU A 90 -23.06 -8.33 -6.95
CA GLU A 90 -22.05 -9.34 -7.33
C GLU A 90 -21.76 -10.30 -6.18
N THR A 91 -21.33 -11.52 -6.50
CA THR A 91 -20.96 -12.52 -5.48
C THR A 91 -19.42 -12.59 -5.32
N GLU A 92 -18.70 -11.99 -6.28
CA GLU A 92 -17.25 -11.90 -6.28
C GLU A 92 -16.77 -10.76 -7.15
N ILE A 93 -15.78 -10.00 -6.62
CA ILE A 93 -15.20 -8.85 -7.31
C ILE A 93 -13.71 -8.95 -7.17
N ALA A 94 -12.96 -8.42 -8.17
CA ALA A 94 -11.49 -8.43 -8.17
C ALA A 94 -11.05 -7.03 -7.84
N VAL A 95 -10.13 -6.89 -6.88
CA VAL A 95 -9.64 -5.59 -6.43
C VAL A 95 -8.11 -5.53 -6.46
N ASP A 96 -7.59 -4.34 -6.77
CA ASP A 96 -6.18 -3.99 -6.71
C ASP A 96 -6.04 -2.49 -6.37
N LEU A 97 -4.86 -2.08 -5.94
CA LEU A 97 -4.61 -0.69 -5.57
C LEU A 97 -3.29 -0.24 -6.17
N GLU A 98 -3.17 1.07 -6.46
CA GLU A 98 -1.88 1.68 -6.82
C GLU A 98 -1.53 2.64 -5.67
N HIS A 99 -0.25 2.80 -5.38
CA HIS A 99 0.21 3.53 -4.18
C HIS A 99 1.40 4.48 -4.46
N HIS A 100 1.65 5.42 -3.55
CA HIS A 100 2.77 6.35 -3.63
C HIS A 100 3.52 6.37 -2.29
N ASP A 101 4.84 6.24 -2.33
CA ASP A 101 5.60 6.22 -1.10
C ASP A 101 6.77 7.19 -1.05
N PHE A 102 7.22 7.77 -2.18
CA PHE A 102 8.40 8.65 -2.14
C PHE A 102 8.16 10.01 -1.48
N TYR A 103 7.15 10.76 -1.93
CA TYR A 103 6.81 12.10 -1.42
C TYR A 103 5.69 12.05 -0.41
N SER A 104 5.85 11.14 0.57
CA SER A 104 4.94 10.90 1.67
C SER A 104 5.65 10.04 2.71
N TYR A 105 5.50 10.42 4.00
CA TYR A 105 6.13 9.66 5.08
C TYR A 105 5.56 8.25 5.21
N GLN A 106 4.25 8.13 5.42
CA GLN A 106 3.61 6.83 5.55
C GLN A 106 3.23 6.27 4.19
N GLY A 107 3.11 7.16 3.20
CA GLY A 107 2.67 6.76 1.88
C GLY A 107 1.17 6.87 1.80
N PHE A 108 0.61 6.77 0.59
CA PHE A 108 -0.83 6.85 0.41
C PHE A 108 -1.31 6.12 -0.82
N THR A 109 -2.53 5.59 -0.76
CA THR A 109 -3.15 4.94 -1.91
C THR A 109 -3.56 5.99 -2.94
N CYS A 110 -3.22 5.74 -4.20
CA CYS A 110 -3.52 6.62 -5.33
C CYS A 110 -4.74 6.24 -6.17
N LEU A 111 -4.96 4.93 -6.33
CA LEU A 111 -5.97 4.40 -7.23
C LEU A 111 -6.42 3.06 -6.74
N MET A 112 -7.69 2.74 -7.01
CA MET A 112 -8.28 1.45 -6.67
C MET A 112 -8.87 0.95 -7.99
N GLN A 113 -8.62 -0.31 -8.32
CA GLN A 113 -9.17 -0.88 -9.55
C GLN A 113 -10.11 -1.99 -9.09
N ILE A 114 -11.26 -2.08 -9.76
CA ILE A 114 -12.26 -3.10 -9.46
C ILE A 114 -12.76 -3.70 -10.74
N SER A 115 -12.79 -5.03 -10.82
CA SER A 115 -13.43 -5.68 -11.95
C SER A 115 -14.55 -6.57 -11.45
N THR A 116 -15.64 -6.61 -12.22
CA THR A 116 -16.76 -7.52 -12.02
C THR A 116 -16.74 -8.42 -13.25
N ARG A 117 -17.61 -9.45 -13.28
CA ARG A 117 -17.72 -10.34 -14.44
C ARG A 117 -18.13 -9.58 -15.71
N THR A 118 -18.75 -8.41 -15.59
CA THR A 118 -19.31 -7.70 -16.76
C THR A 118 -18.62 -6.36 -17.11
N GLN A 119 -17.76 -5.85 -16.21
CA GLN A 119 -17.12 -4.56 -16.44
C GLN A 119 -15.99 -4.26 -15.47
N ASP A 120 -15.22 -3.21 -15.80
CA ASP A 120 -14.09 -2.74 -15.02
C ASP A 120 -14.34 -1.32 -14.53
N PHE A 121 -13.71 -0.97 -13.38
CA PHE A 121 -13.79 0.35 -12.77
C PHE A 121 -12.42 0.78 -12.31
N ILE A 122 -12.16 2.07 -12.36
CA ILE A 122 -10.93 2.70 -11.85
C ILE A 122 -11.40 3.81 -10.96
N VAL A 123 -11.06 3.73 -9.66
CA VAL A 123 -11.46 4.69 -8.66
C VAL A 123 -10.33 5.66 -8.32
N ASP A 124 -10.62 6.96 -8.43
CA ASP A 124 -9.66 7.96 -8.03
C ASP A 124 -9.71 8.24 -6.53
N CYS A 125 -8.92 7.44 -5.78
CA CYS A 125 -8.62 7.44 -4.33
C CYS A 125 -8.15 8.76 -3.83
N LEU A 126 -7.60 9.59 -4.70
CA LEU A 126 -7.12 10.88 -4.29
C LEU A 126 -8.27 11.85 -4.27
N LYS A 127 -9.01 11.93 -5.37
CA LYS A 127 -10.14 12.83 -5.52
C LYS A 127 -11.29 12.47 -4.58
N VAL A 128 -11.52 11.17 -4.32
CA VAL A 128 -12.62 10.77 -3.41
C VAL A 128 -12.08 10.13 -2.10
N ARG A 129 -10.81 10.48 -1.72
CA ARG A 129 -10.15 10.00 -0.50
C ARG A 129 -11.05 10.06 0.72
N ALA A 130 -11.68 11.23 0.96
CA ALA A 130 -12.55 11.51 2.10
C ALA A 130 -13.86 10.71 2.08
N ASN A 131 -14.23 10.13 0.93
CA ASN A 131 -15.49 9.41 0.73
C ASN A 131 -15.36 7.91 0.57
N MET A 132 -14.14 7.39 0.62
CA MET A 132 -13.90 5.95 0.40
C MET A 132 -14.59 5.04 1.42
N TYR A 133 -14.93 5.59 2.61
CA TYR A 133 -15.65 4.88 3.67
C TYR A 133 -16.99 4.31 3.17
N LEU A 134 -17.54 4.93 2.11
CA LEU A 134 -18.80 4.50 1.46
C LEU A 134 -18.72 3.11 0.83
N MET A 135 -17.51 2.58 0.70
CA MET A 135 -17.26 1.25 0.15
C MET A 135 -17.37 0.17 1.25
N ALA A 136 -17.43 0.57 2.54
CA ALA A 136 -17.56 -0.36 3.67
C ALA A 136 -18.72 -1.40 3.52
N PRO A 137 -19.92 -1.11 2.93
CA PRO A 137 -20.91 -2.19 2.77
C PRO A 137 -20.43 -3.32 1.84
N VAL A 138 -19.65 -2.98 0.80
CA VAL A 138 -19.11 -3.97 -0.13
C VAL A 138 -17.98 -4.76 0.53
N PHE A 139 -16.96 -4.06 1.10
CA PHE A 139 -15.84 -4.76 1.72
C PHE A 139 -16.22 -5.61 2.94
N LEU A 140 -17.26 -5.20 3.70
CA LEU A 140 -17.77 -5.89 4.89
C LEU A 140 -18.79 -6.98 4.59
N GLN A 141 -19.34 -7.00 3.36
CA GLN A 141 -20.38 -7.95 2.94
C GLN A 141 -19.82 -9.36 2.85
N PRO A 142 -20.22 -10.28 3.78
CA PRO A 142 -19.70 -11.65 3.74
C PRO A 142 -20.09 -12.46 2.51
N ASN A 143 -21.18 -12.10 1.82
CA ASN A 143 -21.62 -12.88 0.65
C ASN A 143 -20.92 -12.44 -0.64
N ILE A 144 -20.03 -11.46 -0.55
CA ILE A 144 -19.29 -10.99 -1.70
C ILE A 144 -17.86 -11.34 -1.44
N VAL A 145 -17.27 -12.18 -2.32
CA VAL A 145 -15.83 -12.51 -2.18
C VAL A 145 -15.03 -11.38 -2.84
N LYS A 146 -14.03 -10.83 -2.11
CA LYS A 146 -13.11 -9.82 -2.65
C LYS A 146 -11.81 -10.53 -2.99
N VAL A 147 -11.55 -10.66 -4.27
CA VAL A 147 -10.36 -11.31 -4.80
C VAL A 147 -9.23 -10.26 -5.00
N PHE A 148 -8.11 -10.49 -4.36
CA PHE A 148 -6.92 -9.64 -4.57
C PHE A 148 -5.78 -10.58 -4.95
N HIS A 149 -4.74 -10.06 -5.59
CA HIS A 149 -3.57 -10.88 -5.90
C HIS A 149 -2.35 -10.35 -5.10
N GLY A 150 -1.99 -11.04 -4.03
CA GLY A 150 -0.87 -10.62 -3.18
C GLY A 150 -1.26 -9.36 -2.44
N ALA A 151 -2.17 -9.54 -1.46
CA ALA A 151 -2.85 -8.48 -0.70
C ALA A 151 -2.16 -7.97 0.58
N ARG A 152 -0.96 -8.45 0.94
CA ARG A 152 -0.31 -8.04 2.20
C ARG A 152 -0.30 -6.50 2.41
N GLU A 153 0.22 -5.74 1.42
CA GLU A 153 0.27 -4.27 1.49
C GLU A 153 -1.11 -3.63 1.34
N ASP A 154 -1.94 -4.19 0.44
CA ASP A 154 -3.29 -3.70 0.18
C ASP A 154 -4.14 -3.63 1.42
N VAL A 155 -4.10 -4.70 2.21
CA VAL A 155 -4.86 -4.85 3.46
C VAL A 155 -4.51 -3.70 4.40
N ARG A 156 -3.21 -3.39 4.47
CA ARG A 156 -2.67 -2.33 5.31
C ARG A 156 -3.07 -0.95 4.77
N TRP A 157 -2.86 -0.72 3.49
CA TRP A 157 -3.18 0.53 2.80
C TRP A 157 -4.61 0.96 3.01
N LEU A 158 -5.59 0.00 2.81
CA LEU A 158 -7.02 0.23 2.96
C LEU A 158 -7.34 0.78 4.33
N GLN A 159 -6.63 0.29 5.35
CA GLN A 159 -6.80 0.72 6.72
C GLN A 159 -6.25 2.12 6.92
N LYS A 160 -4.97 2.29 6.65
CA LYS A 160 -4.26 3.57 6.79
C LYS A 160 -5.01 4.73 6.16
N ASP A 161 -5.43 4.55 4.90
CA ASP A 161 -6.03 5.62 4.11
C ASP A 161 -7.50 5.78 4.23
N PHE A 162 -8.26 4.69 4.40
CA PHE A 162 -9.72 4.79 4.32
C PHE A 162 -10.55 4.11 5.42
N GLY A 163 -9.91 3.50 6.41
CA GLY A 163 -10.61 2.72 7.42
C GLY A 163 -11.44 1.59 6.80
N LEU A 164 -10.90 0.96 5.71
CA LEU A 164 -11.54 -0.15 4.99
C LEU A 164 -10.93 -1.51 5.37
N TYR A 165 -11.82 -2.50 5.60
CA TYR A 165 -11.52 -3.86 6.05
C TYR A 165 -12.28 -4.90 5.22
N ILE A 166 -11.58 -6.02 4.90
CA ILE A 166 -12.08 -7.07 4.02
C ILE A 166 -12.63 -8.29 4.75
N VAL A 167 -13.93 -8.51 4.60
CA VAL A 167 -14.65 -9.66 5.13
C VAL A 167 -14.75 -10.60 3.90
N ASN A 168 -14.14 -11.77 3.99
CA ASN A 168 -14.06 -12.78 2.95
C ASN A 168 -13.14 -12.36 1.79
N LEU A 169 -11.88 -12.18 2.16
CA LEU A 169 -10.81 -11.94 1.24
C LEU A 169 -10.40 -13.29 0.66
N PHE A 170 -10.10 -13.30 -0.64
CA PHE A 170 -9.48 -14.44 -1.29
C PHE A 170 -8.24 -13.89 -2.00
N ASP A 171 -7.07 -14.40 -1.63
CA ASP A 171 -5.80 -13.97 -2.19
C ASP A 171 -5.29 -15.02 -3.17
N THR A 172 -5.29 -14.69 -4.48
CA THR A 172 -4.89 -15.60 -5.55
C THR A 172 -3.37 -15.92 -5.52
N SER A 173 -2.56 -15.06 -4.88
CA SER A 173 -1.13 -15.32 -4.75
C SER A 173 -0.94 -16.42 -3.68
N ILE A 174 -1.74 -16.39 -2.59
CA ILE A 174 -1.69 -17.42 -1.54
C ILE A 174 -2.14 -18.77 -2.14
N ALA A 175 -3.16 -18.76 -3.05
CA ALA A 175 -3.61 -19.97 -3.76
C ALA A 175 -2.43 -20.59 -4.53
N LEU A 176 -1.70 -19.78 -5.30
CA LEU A 176 -0.55 -20.25 -6.10
C LEU A 176 0.59 -20.79 -5.22
N GLN A 177 0.91 -20.11 -4.08
CA GLN A 177 1.92 -20.58 -3.12
C GLN A 177 1.53 -21.98 -2.57
N ASN A 178 0.24 -22.14 -2.20
CA ASN A 178 -0.29 -23.41 -1.67
C ASN A 178 -0.31 -24.56 -2.69
N LEU A 179 -0.28 -24.24 -3.99
CA LEU A 179 -0.23 -25.21 -5.08
C LEU A 179 1.23 -25.43 -5.49
N HIS A 180 2.18 -24.82 -4.73
CA HIS A 180 3.61 -24.92 -4.92
C HIS A 180 4.00 -24.40 -6.31
N MET A 181 3.42 -23.28 -6.71
CA MET A 181 3.77 -22.80 -8.03
C MET A 181 4.12 -21.29 -8.03
N PRO A 182 4.69 -20.74 -9.14
CA PRO A 182 4.98 -19.29 -9.19
C PRO A 182 3.72 -18.47 -8.87
N HIS A 183 3.89 -17.31 -8.28
CA HIS A 183 2.73 -16.59 -7.77
C HIS A 183 2.68 -15.08 -8.01
N SER A 184 3.48 -14.52 -8.96
CA SER A 184 3.32 -13.10 -9.28
C SER A 184 2.05 -12.90 -10.13
N LEU A 185 1.56 -11.65 -10.22
CA LEU A 185 0.38 -11.34 -11.01
C LEU A 185 0.62 -11.59 -12.49
N ALA A 186 1.76 -11.10 -13.02
CA ALA A 186 2.16 -11.31 -14.42
C ALA A 186 2.17 -12.81 -14.73
N PHE A 187 2.74 -13.65 -13.82
CA PHE A 187 2.74 -15.10 -14.02
C PHE A 187 1.32 -15.65 -14.20
N ALA A 188 0.39 -15.37 -13.25
CA ALA A 188 -0.99 -15.86 -13.25
C ALA A 188 -1.72 -15.51 -14.54
N VAL A 189 -1.63 -14.25 -14.96
CA VAL A 189 -2.28 -13.77 -16.17
C VAL A 189 -1.68 -14.46 -17.40
N ASP A 190 -0.35 -14.58 -17.45
CA ASP A 190 0.27 -15.27 -18.58
C ASP A 190 -0.02 -16.78 -18.57
N HIS A 191 -0.02 -17.43 -17.39
CA HIS A 191 -0.25 -18.88 -17.29
C HIS A 191 -1.66 -19.28 -17.67
N PHE A 192 -2.65 -18.56 -17.14
CA PHE A 192 -4.06 -18.88 -17.37
C PHE A 192 -4.68 -18.19 -18.58
N CYS A 193 -4.32 -16.95 -18.85
CA CYS A 193 -4.93 -16.19 -19.94
C CYS A 193 -4.07 -16.06 -21.17
N GLN A 194 -2.75 -16.35 -21.06
CA GLN A 194 -1.77 -16.22 -22.15
C GLN A 194 -1.66 -14.75 -22.63
N VAL A 195 -1.75 -13.82 -21.67
CA VAL A 195 -1.63 -12.37 -21.85
C VAL A 195 -0.37 -11.91 -21.08
N LYS A 196 0.52 -11.14 -21.75
CA LYS A 196 1.70 -10.58 -21.11
C LYS A 196 1.38 -9.20 -20.59
N LEU A 197 1.43 -9.04 -19.27
CA LEU A 197 1.17 -7.76 -18.62
C LEU A 197 2.33 -6.79 -18.86
N ASN A 198 2.02 -5.49 -18.98
CA ASN A 198 3.05 -4.47 -19.20
C ASN A 198 3.80 -4.20 -17.88
N LYS A 199 5.10 -4.47 -17.85
CA LYS A 199 6.01 -4.33 -16.70
C LYS A 199 6.24 -2.85 -16.31
N LYS A 200 6.47 -2.00 -17.33
CA LYS A 200 6.81 -0.57 -17.31
C LYS A 200 6.15 0.33 -16.24
N TYR A 201 4.87 0.07 -15.83
CA TYR A 201 4.19 1.02 -14.95
C TYR A 201 4.07 0.64 -13.45
N GLN A 202 4.67 -0.48 -13.01
CA GLN A 202 4.63 -0.88 -11.59
C GLN A 202 5.23 0.21 -10.68
N THR A 203 6.32 0.87 -11.16
CA THR A 203 7.06 1.91 -10.44
C THR A 203 6.73 3.37 -10.89
N ALA A 204 5.64 3.55 -11.66
CA ALA A 204 5.20 4.88 -12.12
C ALA A 204 4.71 5.81 -10.96
N ASP A 205 4.51 7.11 -11.27
CA ASP A 205 4.00 8.07 -10.30
C ASP A 205 2.46 8.06 -10.44
N TRP A 206 1.79 7.39 -9.49
CA TRP A 206 0.34 7.25 -9.53
C TRP A 206 -0.41 8.46 -8.95
N ARG A 207 0.33 9.52 -8.57
CA ARG A 207 -0.27 10.76 -8.11
C ARG A 207 -0.67 11.64 -9.29
N VAL A 208 -0.13 11.37 -10.50
CA VAL A 208 -0.38 12.26 -11.64
C VAL A 208 -1.82 12.21 -12.12
N ARG A 209 -2.34 13.39 -12.44
CA ARG A 209 -3.67 13.59 -12.99
C ARG A 209 -3.55 14.61 -14.13
N PRO A 210 -4.14 14.34 -15.32
CA PRO A 210 -4.90 13.13 -15.68
C PRO A 210 -4.03 11.90 -15.76
N ILE A 211 -4.65 10.72 -15.65
CA ILE A 211 -3.89 9.49 -15.80
C ILE A 211 -3.78 9.27 -17.32
N PRO A 212 -2.56 9.09 -17.89
CA PRO A 212 -2.46 8.88 -19.34
C PRO A 212 -3.01 7.50 -19.71
N ALA A 213 -3.53 7.37 -20.94
CA ALA A 213 -4.13 6.15 -21.50
C ALA A 213 -3.37 4.83 -21.18
N GLU A 214 -2.03 4.84 -21.29
CA GLU A 214 -1.19 3.65 -21.03
C GLU A 214 -1.31 3.19 -19.58
N MET A 215 -1.40 4.17 -18.66
CA MET A 215 -1.56 3.92 -17.22
C MET A 215 -3.01 3.53 -16.88
N VAL A 216 -4.00 4.05 -17.65
CA VAL A 216 -5.40 3.64 -17.47
C VAL A 216 -5.47 2.14 -17.88
N SER A 217 -4.84 1.78 -19.00
CA SER A 217 -4.79 0.40 -19.50
C SER A 217 -4.07 -0.54 -18.50
N TYR A 218 -2.91 -0.09 -17.96
CA TYR A 218 -2.17 -0.83 -16.93
C TYR A 218 -3.03 -1.12 -15.71
N ALA A 219 -3.71 -0.09 -15.19
CA ALA A 219 -4.58 -0.19 -14.00
C ALA A 219 -5.74 -1.17 -14.23
N GLN A 220 -6.44 -1.02 -15.36
CA GLN A 220 -7.53 -1.88 -15.75
C GLN A 220 -7.11 -3.38 -15.85
N GLN A 221 -5.95 -3.66 -16.47
CA GLN A 221 -5.48 -5.02 -16.71
C GLN A 221 -5.02 -5.77 -15.46
N ASP A 222 -4.75 -5.06 -14.34
CA ASP A 222 -4.37 -5.67 -13.08
C ASP A 222 -5.57 -6.41 -12.42
N THR A 223 -6.84 -6.01 -12.76
CA THR A 223 -8.02 -6.69 -12.21
C THR A 223 -8.85 -7.43 -13.25
N HIS A 224 -8.81 -6.96 -14.51
CA HIS A 224 -9.60 -7.49 -15.65
C HIS A 224 -9.58 -9.04 -15.80
N PHE A 225 -8.43 -9.68 -15.52
CA PHE A 225 -8.31 -11.14 -15.66
C PHE A 225 -8.39 -11.92 -14.34
N LEU A 226 -8.45 -11.20 -13.21
CA LEU A 226 -8.37 -11.77 -11.89
C LEU A 226 -9.54 -12.69 -11.51
N LEU A 227 -10.77 -12.40 -11.94
CA LEU A 227 -11.87 -13.31 -11.60
C LEU A 227 -11.80 -14.63 -12.36
N TYR A 228 -11.28 -14.63 -13.60
CA TYR A 228 -11.07 -15.88 -14.37
C TYR A 228 -9.99 -16.69 -13.69
N VAL A 229 -8.89 -16.02 -13.28
CA VAL A 229 -7.74 -16.62 -12.57
C VAL A 229 -8.26 -17.27 -11.30
N TYR A 230 -9.12 -16.54 -10.58
CA TYR A 230 -9.79 -17.00 -9.36
C TYR A 230 -10.54 -18.34 -9.62
N ASP A 231 -11.37 -18.40 -10.67
CA ASP A 231 -12.13 -19.59 -11.08
C ASP A 231 -11.18 -20.78 -11.37
N ARG A 232 -10.11 -20.54 -12.13
CA ARG A 232 -9.11 -21.55 -12.47
C ARG A 232 -8.32 -22.09 -11.24
N LEU A 233 -7.94 -21.20 -10.30
CA LEU A 233 -7.25 -21.61 -9.07
C LEU A 233 -8.18 -22.41 -8.15
N LYS A 234 -9.48 -22.04 -8.09
CA LYS A 234 -10.50 -22.77 -7.32
C LYS A 234 -10.58 -24.22 -7.78
N GLN A 235 -10.62 -24.45 -9.11
CA GLN A 235 -10.68 -25.81 -9.69
C GLN A 235 -9.42 -26.62 -9.36
N LEU A 236 -8.23 -25.99 -9.44
CA LEU A 236 -6.96 -26.63 -9.10
C LEU A 236 -6.86 -26.97 -7.61
N LEU A 237 -7.37 -26.10 -6.74
CA LEU A 237 -7.35 -26.34 -5.31
C LEU A 237 -8.28 -27.48 -4.88
N LEU A 238 -9.45 -27.60 -5.54
CA LEU A 238 -10.41 -28.67 -5.27
C LEU A 238 -9.93 -29.99 -5.90
N ASN A 239 -9.03 -29.91 -6.90
CA ASN A 239 -8.40 -31.05 -7.58
C ASN A 239 -7.26 -31.70 -6.79
N CYS A 240 -6.78 -31.06 -5.70
CA CYS A 240 -5.73 -31.62 -4.85
C CYS A 240 -6.29 -32.74 -3.97
N ASN A 248 -9.29 -30.17 2.63
CA ASN A 248 -9.76 -29.28 1.57
C ASN A 248 -8.80 -28.09 1.36
N MET A 249 -8.06 -28.12 0.25
CA MET A 249 -7.07 -27.12 -0.12
C MET A 249 -7.72 -25.76 -0.46
N LEU A 250 -8.95 -25.76 -1.04
CA LEU A 250 -9.70 -24.51 -1.33
C LEU A 250 -10.06 -23.76 -0.03
N LEU A 251 -10.58 -24.49 0.98
CA LEU A 251 -10.91 -23.95 2.31
C LEU A 251 -9.65 -23.46 3.04
N HIS A 252 -8.52 -24.18 2.86
CA HIS A 252 -7.23 -23.79 3.46
C HIS A 252 -6.78 -22.40 2.94
N VAL A 253 -6.96 -22.17 1.65
CA VAL A 253 -6.56 -20.91 1.01
C VAL A 253 -7.48 -19.75 1.49
N PHE A 254 -8.79 -20.00 1.61
CA PHE A 254 -9.73 -19.04 2.16
C PHE A 254 -9.34 -18.74 3.61
N GLN A 255 -8.84 -19.76 4.36
CA GLN A 255 -8.41 -19.62 5.76
C GLN A 255 -7.16 -18.79 5.90
N GLU A 256 -6.17 -19.05 5.05
CA GLU A 256 -4.91 -18.28 5.01
C GLU A 256 -5.17 -16.83 4.62
N SER A 257 -6.05 -16.58 3.60
CA SER A 257 -6.46 -15.24 3.14
C SER A 257 -7.17 -14.46 4.27
N ARG A 258 -8.00 -15.15 5.09
CA ARG A 258 -8.70 -14.56 6.25
C ARG A 258 -7.68 -14.09 7.30
N LEU A 259 -6.64 -14.90 7.57
CA LEU A 259 -5.55 -14.54 8.47
C LEU A 259 -4.84 -13.28 7.99
N LEU A 260 -4.69 -13.12 6.66
CA LEU A 260 -4.08 -11.93 6.05
C LEU A 260 -5.00 -10.70 6.22
N SER A 261 -6.32 -10.89 6.14
CA SER A 261 -7.30 -9.82 6.34
C SER A 261 -7.35 -9.34 7.79
N LEU A 262 -6.84 -10.17 8.74
CA LEU A 262 -6.73 -9.84 10.17
C LEU A 262 -5.46 -9.05 10.51
N GLU A 263 -4.59 -8.85 9.53
CA GLU A 263 -3.40 -8.04 9.72
C GLU A 263 -3.78 -6.58 9.84
N ARG A 264 -2.97 -5.85 10.61
CA ARG A 264 -3.24 -4.44 10.88
C ARG A 264 -2.16 -3.57 10.32
N TYR A 265 -2.57 -2.39 9.85
CA TYR A 265 -1.65 -1.37 9.44
C TYR A 265 -0.99 -0.83 10.75
N GLU A 266 0.30 -0.55 10.70
CA GLU A 266 0.97 0.13 11.82
C GLU A 266 1.92 1.16 11.25
N LYS A 267 1.90 2.37 11.83
CA LYS A 267 2.73 3.52 11.41
C LYS A 267 4.21 3.15 11.34
N PRO A 268 4.98 3.69 10.35
CA PRO A 268 6.43 3.43 10.33
C PRO A 268 7.04 3.74 11.71
N HIS A 269 7.80 2.77 12.19
CA HIS A 269 8.42 2.63 13.51
C HIS A 269 9.88 3.12 13.57
N LEU A 270 10.12 4.29 14.18
CA LEU A 270 11.50 4.81 14.33
C LEU A 270 12.05 4.43 15.69
N ASP A 271 13.07 3.60 15.69
CA ASP A 271 13.76 3.17 16.89
C ASP A 271 15.04 4.02 16.95
N PRO A 272 15.12 5.02 17.86
CA PRO A 272 16.31 5.89 17.88
C PRO A 272 17.62 5.20 18.25
N ASP A 273 17.54 3.96 18.79
CA ASP A 273 18.70 3.16 19.18
C ASP A 273 19.04 2.07 18.13
N VAL A 274 18.09 1.74 17.20
CA VAL A 274 18.23 0.60 16.26
C VAL A 274 18.11 0.94 14.76
N THR A 275 16.99 1.58 14.30
CA THR A 275 16.64 1.82 12.88
C THR A 275 17.84 2.23 12.00
N TYR A 276 18.67 3.20 12.47
CA TYR A 276 19.86 3.65 11.74
C TYR A 276 20.81 2.48 11.35
N LYS A 277 21.01 1.49 12.25
CA LYS A 277 21.86 0.32 12.00
C LYS A 277 21.24 -0.60 10.93
N GLN A 278 19.89 -0.71 10.92
CA GLN A 278 19.15 -1.53 9.96
C GLN A 278 19.24 -0.97 8.55
N ALA A 279 19.34 0.36 8.42
CA ALA A 279 19.38 1.06 7.15
C ALA A 279 20.81 1.30 6.64
N LEU A 280 21.78 1.50 7.56
CA LEU A 280 23.15 1.76 7.17
C LEU A 280 24.02 0.50 7.11
N GLY A 281 23.54 -0.59 7.75
CA GLY A 281 24.20 -1.90 7.79
C GLY A 281 25.72 -1.91 7.78
N ARG A 282 26.30 -2.62 6.80
CA ARG A 282 27.75 -2.80 6.59
C ARG A 282 28.51 -1.50 6.36
N SER A 283 27.83 -0.47 5.80
CA SER A 283 28.39 0.85 5.53
C SER A 283 28.86 1.62 6.80
N LEU A 284 28.60 1.07 8.01
CA LEU A 284 29.03 1.64 9.30
C LEU A 284 30.41 1.16 9.73
N GLY A 285 30.99 0.22 8.99
CA GLY A 285 32.34 -0.26 9.22
C GLY A 285 33.31 0.78 8.70
N GLY A 286 34.46 0.92 9.38
CA GLY A 286 35.50 1.87 9.03
C GLY A 286 35.30 3.23 9.67
N LEU A 287 34.29 3.35 10.56
CA LEU A 287 33.99 4.61 11.24
C LEU A 287 34.53 4.70 12.67
N SER A 288 34.98 5.88 13.05
CA SER A 288 35.45 6.15 14.40
C SER A 288 34.17 6.32 15.27
N SER A 289 34.32 6.40 16.61
CA SER A 289 33.16 6.56 17.49
C SER A 289 32.42 7.87 17.24
N SER A 290 33.13 8.93 16.85
CA SER A 290 32.48 10.21 16.58
C SER A 290 31.73 10.20 15.26
N GLN A 291 32.19 9.39 14.28
CA GLN A 291 31.55 9.27 12.98
C GLN A 291 30.30 8.41 13.12
N LEU A 292 30.34 7.44 14.04
CA LEU A 292 29.21 6.57 14.35
C LEU A 292 28.10 7.37 15.04
N GLN A 293 28.49 8.30 15.95
CA GLN A 293 27.55 9.18 16.66
C GLN A 293 26.87 10.10 15.65
N VAL A 294 27.65 10.65 14.70
CA VAL A 294 27.13 11.50 13.63
C VAL A 294 26.20 10.71 12.71
N ALA A 295 26.55 9.47 12.35
CA ALA A 295 25.68 8.61 11.51
C ALA A 295 24.28 8.48 12.13
N ARG A 296 24.21 8.16 13.44
CA ARG A 296 22.99 7.94 14.20
C ARG A 296 22.12 9.19 14.31
N GLU A 297 22.75 10.32 14.69
CA GLU A 297 22.07 11.61 14.88
C GLU A 297 21.54 12.19 13.56
N ILE A 298 22.31 12.10 12.45
CA ILE A 298 21.84 12.55 11.13
C ILE A 298 20.62 11.67 10.70
N PHE A 299 20.72 10.35 10.91
CA PHE A 299 19.65 9.43 10.58
C PHE A 299 18.39 9.71 11.40
N ASN A 300 18.54 10.00 12.69
CA ASN A 300 17.39 10.31 13.56
C ASN A 300 16.79 11.64 13.23
N TRP A 301 17.64 12.62 12.85
CA TRP A 301 17.17 13.92 12.39
C TRP A 301 16.39 13.73 11.05
N ARG A 302 16.93 12.91 10.13
CA ARG A 302 16.35 12.67 8.82
C ARG A 302 14.95 12.09 8.94
N ASP A 303 14.72 11.23 9.93
CA ASP A 303 13.40 10.66 10.18
C ASP A 303 12.45 11.73 10.72
N MET A 304 12.88 12.54 11.69
CA MET A 304 12.09 13.65 12.26
C MET A 304 11.68 14.65 11.16
N ALA A 305 12.64 15.10 10.34
CA ALA A 305 12.41 16.03 9.24
C ALA A 305 11.47 15.43 8.18
N ALA A 306 11.50 14.11 8.00
CA ALA A 306 10.66 13.40 7.03
C ALA A 306 9.20 13.43 7.49
N ARG A 307 8.97 13.26 8.80
CA ARG A 307 7.67 13.31 9.48
C ARG A 307 7.02 14.68 9.36
N GLU A 308 7.81 15.73 9.62
CA GLU A 308 7.43 17.13 9.54
C GLU A 308 7.08 17.56 8.10
N ALA A 309 7.91 17.16 7.12
CA ALA A 309 7.69 17.54 5.72
C ALA A 309 6.64 16.65 5.05
N ASP A 310 6.29 15.54 5.71
CA ASP A 310 5.42 14.49 5.18
C ASP A 310 6.03 13.94 3.88
N ASP A 311 7.33 13.65 3.95
CA ASP A 311 8.09 13.07 2.86
C ASP A 311 8.70 11.75 3.35
N SER A 312 9.09 10.87 2.42
CA SER A 312 9.77 9.66 2.90
C SER A 312 11.20 10.08 3.34
N PRO A 313 11.86 9.37 4.29
CA PRO A 313 13.25 9.73 4.64
C PRO A 313 14.18 9.87 3.40
N SER A 314 13.96 9.07 2.34
CA SER A 314 14.74 9.14 1.09
C SER A 314 14.50 10.46 0.33
N ALA A 315 13.30 11.05 0.44
CA ALA A 315 13.04 12.33 -0.21
C ALA A 315 13.70 13.50 0.57
N VAL A 316 13.99 13.30 1.86
CA VAL A 316 14.67 14.32 2.65
C VAL A 316 16.17 14.33 2.23
N MET A 317 16.79 13.14 2.27
CA MET A 317 18.21 12.94 2.03
C MET A 317 18.45 11.48 1.64
N HIS A 318 19.25 11.23 0.60
CA HIS A 318 19.60 9.86 0.23
C HIS A 318 20.41 9.20 1.36
N ILE A 319 20.27 7.89 1.54
CA ILE A 319 20.95 7.12 2.59
C ILE A 319 22.50 7.32 2.55
N SER A 320 23.10 7.43 1.34
CA SER A 320 24.54 7.63 1.13
C SER A 320 24.97 8.97 1.65
N SER A 321 24.07 9.99 1.59
CA SER A 321 24.30 11.35 2.09
C SER A 321 24.46 11.36 3.61
N VAL A 322 23.74 10.45 4.31
CA VAL A 322 23.82 10.27 5.76
C VAL A 322 25.24 9.79 6.06
N LEU A 323 25.70 8.77 5.31
CA LEU A 323 27.03 8.21 5.46
C LEU A 323 28.10 9.21 5.09
N SER A 324 27.86 10.02 4.05
CA SER A 324 28.79 11.05 3.60
C SER A 324 29.06 12.09 4.70
N ILE A 325 28.02 12.54 5.42
CA ILE A 325 28.15 13.53 6.49
C ILE A 325 28.96 12.91 7.62
N ALA A 326 28.57 11.69 8.04
CA ALA A 326 29.23 10.92 9.08
C ALA A 326 30.75 10.74 8.79
N THR A 327 31.10 10.38 7.55
CA THR A 327 32.48 10.10 7.13
C THR A 327 33.31 11.35 7.00
N LYS A 328 32.83 12.31 6.18
CA LYS A 328 33.54 13.56 5.90
C LYS A 328 33.52 14.59 7.03
N LEU A 329 32.54 14.50 7.97
CA LEU A 329 32.33 15.46 9.09
C LEU A 329 32.36 16.95 8.60
N PRO A 330 31.42 17.39 7.72
CA PRO A 330 31.43 18.78 7.22
C PRO A 330 31.29 19.86 8.32
N THR A 331 32.12 20.90 8.29
CA THR A 331 32.09 21.93 9.35
C THR A 331 31.64 23.34 8.90
N SER A 332 31.06 23.44 7.68
CA SER A 332 30.49 24.66 7.10
C SER A 332 29.20 24.28 6.35
N ALA A 333 28.25 25.20 6.25
CA ALA A 333 26.95 24.96 5.58
C ALA A 333 27.12 24.42 4.14
N ASN A 334 28.10 24.95 3.38
CA ASN A 334 28.41 24.57 2.00
C ASN A 334 28.90 23.14 1.91
N GLU A 335 29.79 22.73 2.85
CA GLU A 335 30.32 21.37 2.93
C GLU A 335 29.17 20.39 3.22
N VAL A 336 28.22 20.78 4.10
CA VAL A 336 27.04 19.97 4.44
C VAL A 336 26.16 19.82 3.18
N LEU A 337 26.00 20.93 2.42
CA LEU A 337 25.21 20.93 1.20
C LEU A 337 25.81 20.04 0.12
N LYS A 338 27.15 19.92 0.07
CA LYS A 338 27.86 19.05 -0.87
C LYS A 338 27.54 17.55 -0.59
N CYS A 339 27.65 17.11 0.68
CA CYS A 339 27.34 15.75 1.10
C CYS A 339 25.90 15.33 0.74
N CYS A 340 24.93 16.26 0.91
CA CYS A 340 23.49 16.05 0.74
C CYS A 340 22.97 16.11 -0.72
N SER A 341 23.82 16.30 -1.73
CA SER A 341 23.38 16.40 -3.13
C SER A 341 22.67 15.11 -3.61
N PRO A 342 21.43 15.14 -4.19
CA PRO A 342 20.57 16.30 -4.50
C PRO A 342 19.91 16.91 -3.25
N VAL A 343 20.10 18.23 -3.04
CA VAL A 343 19.65 18.94 -1.84
C VAL A 343 18.14 19.20 -1.82
N SER A 344 17.45 18.62 -0.82
CA SER A 344 16.02 18.86 -0.64
C SER A 344 15.80 20.21 0.08
N VAL A 345 14.57 20.71 0.07
CA VAL A 345 14.20 21.93 0.76
C VAL A 345 14.42 21.74 2.28
N ALA A 346 13.97 20.58 2.82
CA ALA A 346 14.13 20.19 4.24
C ALA A 346 15.59 20.36 4.71
N VAL A 347 16.55 19.86 3.91
CA VAL A 347 17.99 19.97 4.19
C VAL A 347 18.48 21.43 4.08
N ARG A 348 18.12 22.11 2.97
CA ARG A 348 18.53 23.50 2.75
C ARG A 348 18.04 24.43 3.86
N THR A 349 16.77 24.28 4.28
CA THR A 349 16.19 25.13 5.32
C THR A 349 16.79 24.79 6.70
N ASN A 350 17.15 23.53 6.95
CA ASN A 350 17.74 23.10 8.22
C ASN A 350 19.23 22.75 8.19
N VAL A 351 19.99 23.34 7.24
CA VAL A 351 21.44 23.15 7.07
C VAL A 351 22.26 23.47 8.36
N MET A 352 21.80 24.46 9.16
CA MET A 352 22.48 24.90 10.39
C MET A 352 22.31 23.88 11.52
N LYS A 353 21.18 23.16 11.52
CA LYS A 353 20.89 22.08 12.47
C LYS A 353 21.79 20.86 12.16
N LEU A 354 21.94 20.50 10.85
CA LEU A 354 22.80 19.38 10.42
C LEU A 354 24.24 19.71 10.78
N LEU A 355 24.64 20.96 10.56
CA LEU A 355 25.95 21.50 10.89
C LEU A 355 26.19 21.48 12.41
N GLN A 356 25.14 21.73 13.21
CA GLN A 356 25.28 21.69 14.68
C GLN A 356 25.55 20.27 15.17
N ILE A 357 24.87 19.26 14.53
CA ILE A 357 25.02 17.82 14.81
C ILE A 357 26.49 17.44 14.68
N VAL A 358 27.13 17.84 13.57
CA VAL A 358 28.54 17.58 13.29
C VAL A 358 29.44 18.29 14.29
N LYS A 359 29.16 19.59 14.57
CA LYS A 359 29.95 20.41 15.48
C LYS A 359 29.98 19.85 16.90
N ASP A 360 28.86 19.31 17.39
CA ASP A 360 28.78 18.72 18.75
C ASP A 360 29.56 17.40 18.88
N ALA A 361 29.97 16.81 17.74
CA ALA A 361 30.71 15.55 17.73
C ALA A 361 32.21 15.66 17.42
N ILE A 362 32.68 16.74 16.78
CA ILE A 362 34.11 16.84 16.47
C ILE A 362 34.93 17.18 17.76
N GLY A 363 36.23 16.85 17.72
CA GLY A 363 37.14 16.96 18.87
C GLY A 363 36.90 15.81 19.83
N SER A 364 37.25 15.99 21.10
CA SER A 364 37.02 14.97 22.13
C SER A 364 35.56 14.94 22.61
N ALA A 365 34.98 13.74 22.76
CA ALA A 365 33.64 13.56 23.31
C ALA A 365 33.70 13.70 24.83
C1 PEG B . 8.28 4.65 5.20
O1 PEG B . 7.89 3.30 5.47
C2 PEG B . 9.59 4.99 5.84
O2 PEG B . 9.47 4.98 7.25
C3 PEG B . 10.73 5.08 7.93
C4 PEG B . 10.95 3.88 8.79
O4 PEG B . 10.51 4.08 10.13
C1 PEG C . -6.45 7.98 11.37
O1 PEG C . -7.09 9.24 11.13
C2 PEG C . -7.18 6.84 10.71
O2 PEG C . -7.27 7.07 9.31
C3 PEG C . -8.26 6.30 8.66
C4 PEG C . -8.93 7.12 7.60
O4 PEG C . -10.13 7.73 8.06
#